data_8ROW
#
_entry.id   8ROW
#
_cell.length_a   42.440
_cell.length_b   41.300
_cell.length_c   72.030
_cell.angle_alpha   90.00
_cell.angle_beta   104.29
_cell.angle_gamma   90.00
#
_symmetry.space_group_name_H-M   'P 1 21 1'
#
loop_
_entity.id
_entity.type
_entity.pdbx_description
1 polymer 'Carbonic anhydrase 2'
2 non-polymer 'ZINC ION'
3 non-polymer 1-carbamimidoyl-3-[(4-sulfamoylphenyl)methyl]guanidine
4 non-polymer GLYCEROL
5 water water
#
_entity_poly.entity_id   1
_entity_poly.type   'polypeptide(L)'
_entity_poly.pdbx_seq_one_letter_code
;MSHHWGYGKHNGPEHWHKDFPIAKGERQSPVDIDTHTAKYDPSLKPLSVSYDQATSLRILNNGHAFNVEFDDSQDKAVLK
GGPLDGTYRLIQFHFHWGSLDGQGSEHTVDKKKYAAELHLVHWNTKYGDFGKAVQQPDGLAVLGIFLKVGSAKPGLQKVV
DVLDSIKTKGKSADFTNFDPRGLLPESLDYWTYPGSLTTPPLLECVTWIVLKEPISVSSEQVLKFRKLNFNGEGEPEELM
VDNWRPAQPLKNRQIKASFK
;
_entity_poly.pdbx_strand_id   A
#
loop_
_chem_comp.id
_chem_comp.type
_chem_comp.name
_chem_comp.formula
A1H15 non-polymer 1-carbamimidoyl-3-[(4-sulfamoylphenyl)methyl]guanidine 'C9 H14 N6 O2 S'
GOL non-polymer GLYCEROL 'C3 H8 O3'
ZN non-polymer 'ZINC ION' 'Zn 2'
#
# COMPACT_ATOMS: atom_id res chain seq x y z
N HIS A 4 -12.70 14.61 7.97
CA HIS A 4 -11.78 15.03 9.05
C HIS A 4 -11.14 13.86 9.79
N TRP A 5 -11.26 12.60 9.32
CA TRP A 5 -10.42 11.53 9.83
C TRP A 5 -8.94 11.84 9.55
N GLY A 6 -8.09 11.25 10.40
CA GLY A 6 -6.66 11.37 10.20
C GLY A 6 -5.95 10.36 11.07
N TYR A 7 -4.76 10.78 11.52
CA TYR A 7 -3.88 9.95 12.32
C TYR A 7 -3.49 10.60 13.64
N GLY A 8 -4.19 11.65 14.03
CA GLY A 8 -3.96 12.33 15.30
C GLY A 8 -4.67 11.63 16.47
N LYS A 9 -4.52 12.21 17.65
CA LYS A 9 -5.15 11.67 18.87
C LYS A 9 -6.66 11.78 18.80
N HIS A 10 -7.08 12.87 18.17
CA HIS A 10 -8.49 13.15 18.22
C HIS A 10 -9.23 12.65 16.99
N ASN A 11 -8.55 12.16 15.95
CA ASN A 11 -9.21 11.78 14.71
C ASN A 11 -8.60 10.51 14.08
N GLY A 12 -7.81 9.81 14.88
CA GLY A 12 -7.06 8.66 14.40
C GLY A 12 -7.88 7.38 14.39
N PRO A 13 -7.19 6.26 14.10
CA PRO A 13 -7.85 4.97 13.87
C PRO A 13 -8.88 4.56 14.89
N GLU A 14 -8.72 4.91 16.18
CA GLU A 14 -9.71 4.51 17.18
C GLU A 14 -11.02 5.28 17.06
N HIS A 15 -11.04 6.37 16.28
CA HIS A 15 -12.22 7.18 16.11
C HIS A 15 -12.95 6.87 14.82
N TRP A 16 -12.31 6.18 13.85
CA TRP A 16 -12.85 6.07 12.51
C TRP A 16 -14.23 5.41 12.48
N HIS A 17 -14.44 4.46 13.37
CA HIS A 17 -15.69 3.72 13.36
C HIS A 17 -16.93 4.60 13.51
N LYS A 18 -16.79 5.79 14.12
CA LYS A 18 -17.96 6.64 14.29
C LYS A 18 -18.51 7.19 12.99
N ASP A 19 -17.66 7.43 12.01
CA ASP A 19 -18.10 7.83 10.68
C ASP A 19 -18.12 6.70 9.69
N PHE A 20 -17.37 5.63 9.95
CA PHE A 20 -17.18 4.52 9.03
C PHE A 20 -17.38 3.23 9.81
N PRO A 21 -18.63 2.85 10.12
CA PRO A 21 -18.84 1.73 11.02
C PRO A 21 -18.25 0.39 10.54
N ILE A 22 -18.00 0.26 9.23
CA ILE A 22 -17.34 -0.93 8.69
C ILE A 22 -15.95 -1.10 9.29
N ALA A 23 -15.41 -0.06 9.98
CA ALA A 23 -14.13 -0.20 10.67
C ALA A 23 -14.12 -1.40 11.61
N LYS A 24 -15.30 -1.83 12.10
CA LYS A 24 -15.42 -2.97 13.01
C LYS A 24 -15.96 -4.20 12.26
N GLY A 25 -15.78 -4.24 10.94
CA GLY A 25 -16.31 -5.29 10.09
C GLY A 25 -15.55 -6.61 10.16
N GLU A 26 -16.00 -7.52 9.29
CA GLU A 26 -15.56 -8.89 9.28
C GLU A 26 -14.30 -9.12 8.48
N ARG A 27 -13.86 -8.17 7.66
CA ARG A 27 -12.68 -8.40 6.83
C ARG A 27 -11.85 -7.12 6.73
N GLN A 28 -11.48 -6.57 7.89
CA GLN A 28 -10.70 -5.35 7.91
C GLN A 28 -9.20 -5.60 7.81
N SER A 29 -8.51 -4.59 7.30
CA SER A 29 -7.07 -4.61 7.12
C SER A 29 -6.46 -3.41 7.80
N PRO A 30 -5.17 -3.45 8.13
CA PRO A 30 -4.24 -4.59 7.97
C PRO A 30 -4.48 -5.63 9.06
N VAL A 31 -3.68 -6.68 9.00
CA VAL A 31 -3.67 -7.77 9.97
C VAL A 31 -2.22 -8.10 10.29
N ASP A 32 -2.03 -8.78 11.42
CA ASP A 32 -0.81 -9.47 11.70
C ASP A 32 -0.76 -10.78 10.94
N ILE A 33 0.35 -11.02 10.27
CA ILE A 33 0.59 -12.24 9.54
C ILE A 33 1.38 -13.17 10.46
N ASP A 34 0.69 -14.17 11.01
CA ASP A 34 1.30 -15.17 11.84
C ASP A 34 1.86 -16.22 10.87
N THR A 35 3.17 -16.24 10.71
CA THR A 35 3.82 -17.00 9.67
C THR A 35 3.71 -18.48 9.91
N HIS A 36 3.85 -18.91 11.15
N HIS A 36 3.33 -18.92 11.16
CA HIS A 36 3.59 -20.30 11.42
CA HIS A 36 3.28 -20.34 11.51
C HIS A 36 2.16 -20.80 11.18
C HIS A 36 1.94 -20.86 11.10
N THR A 37 1.03 -19.97 11.29
CA THR A 37 -0.38 -20.34 11.07
C THR A 37 -0.81 -20.16 9.61
N ALA A 38 -0.11 -19.37 8.81
CA ALA A 38 -0.43 -19.24 7.40
C ALA A 38 -0.23 -20.60 6.77
N LYS A 39 -1.04 -20.94 5.84
CA LYS A 39 -0.78 -22.24 5.22
C LYS A 39 -0.47 -22.12 3.75
N TYR A 40 0.50 -22.92 3.38
CA TYR A 40 0.91 -23.04 2.01
C TYR A 40 -0.27 -23.55 1.19
N ASP A 41 -0.53 -22.92 0.08
CA ASP A 41 -1.62 -23.27 -0.80
C ASP A 41 -1.01 -23.63 -2.14
N PRO A 42 -0.74 -24.94 -2.42
CA PRO A 42 0.05 -25.35 -3.59
C PRO A 42 -0.68 -25.00 -4.88
N SER A 43 -1.98 -24.76 -4.80
CA SER A 43 -2.69 -24.39 -6.02
C SER A 43 -2.56 -22.91 -6.38
N LEU A 44 -2.11 -22.01 -5.47
CA LEU A 44 -1.89 -20.61 -5.82
C LEU A 44 -0.94 -20.55 -7.00
N LYS A 45 -1.55 -20.08 -8.13
N LYS A 45 -1.06 -19.56 -7.86
CA LYS A 45 -0.96 -20.17 -9.46
CA LYS A 45 -0.10 -19.38 -8.94
C LYS A 45 -0.07 -18.96 -9.61
C LYS A 45 0.97 -18.35 -8.58
N PRO A 46 0.91 -19.03 -10.52
N PRO A 46 2.08 -18.34 -9.36
CA PRO A 46 2.01 -18.07 -10.46
CA PRO A 46 3.00 -17.21 -9.27
C PRO A 46 1.50 -16.64 -10.51
C PRO A 46 2.28 -15.93 -9.64
N LEU A 47 2.13 -15.73 -9.74
N LEU A 47 2.69 -14.83 -9.01
CA LEU A 47 1.80 -14.31 -9.77
CA LEU A 47 2.21 -13.53 -9.39
C LEU A 47 2.52 -13.63 -10.93
C LEU A 47 2.77 -13.18 -10.75
N SER A 48 1.89 -12.62 -11.56
CA SER A 48 2.34 -11.99 -12.80
C SER A 48 2.25 -10.48 -12.61
N VAL A 49 3.40 -9.84 -12.50
CA VAL A 49 3.48 -8.40 -12.44
C VAL A 49 3.99 -7.90 -13.80
N SER A 50 3.15 -7.19 -14.53
CA SER A 50 3.48 -6.76 -15.89
C SER A 50 3.45 -5.25 -15.94
N TYR A 51 4.59 -4.63 -15.61
CA TYR A 51 4.70 -3.20 -15.50
C TYR A 51 5.55 -2.57 -16.60
N ASP A 52 5.94 -3.31 -17.62
CA ASP A 52 6.80 -2.75 -18.67
C ASP A 52 6.21 -1.52 -19.37
N GLN A 53 4.87 -1.44 -19.55
CA GLN A 53 4.29 -0.31 -20.29
C GLN A 53 3.64 0.70 -19.32
N ALA A 54 3.99 0.66 -18.04
CA ALA A 54 3.44 1.60 -17.07
C ALA A 54 3.67 3.04 -17.49
N THR A 55 2.64 3.85 -17.29
CA THR A 55 2.70 5.28 -17.56
C THR A 55 2.36 6.04 -16.31
N SER A 56 3.37 6.47 -15.55
CA SER A 56 3.13 7.33 -14.41
C SER A 56 2.79 8.71 -14.92
N LEU A 57 1.97 9.42 -14.17
CA LEU A 57 1.55 10.76 -14.59
C LEU A 57 1.94 11.86 -13.60
N ARG A 58 1.70 11.65 -12.32
CA ARG A 58 1.68 12.75 -11.36
C ARG A 58 1.93 12.17 -9.98
N ILE A 59 2.37 13.02 -9.07
CA ILE A 59 2.51 12.70 -7.67
C ILE A 59 1.75 13.76 -6.88
N LEU A 60 0.96 13.31 -5.90
CA LEU A 60 0.02 14.15 -5.17
C LEU A 60 0.16 13.93 -3.66
N ASN A 61 0.27 15.00 -2.88
CA ASN A 61 0.13 14.94 -1.43
C ASN A 61 -1.35 15.14 -1.13
N ASN A 62 -2.02 14.07 -0.68
CA ASN A 62 -3.47 14.13 -0.45
C ASN A 62 -3.80 14.39 1.02
N GLY A 63 -2.84 14.76 1.84
CA GLY A 63 -3.06 15.02 3.24
C GLY A 63 -2.98 13.82 4.16
N HIS A 64 -2.92 12.62 3.56
N HIS A 64 -2.86 12.62 3.60
CA HIS A 64 -2.81 11.35 4.29
CA HIS A 64 -2.65 11.42 4.44
C HIS A 64 -1.46 10.69 4.00
C HIS A 64 -1.53 10.51 3.94
N ALA A 65 -1.07 10.73 2.71
CA ALA A 65 0.11 10.11 2.15
C ALA A 65 0.43 10.87 0.87
N PHE A 66 1.33 10.37 0.06
CA PHE A 66 1.46 10.82 -1.30
C PHE A 66 1.21 9.67 -2.25
N ASN A 67 0.49 9.98 -3.32
CA ASN A 67 0.19 8.97 -4.33
C ASN A 67 0.94 9.26 -5.62
N VAL A 68 1.60 8.26 -6.17
CA VAL A 68 2.10 8.28 -7.55
C VAL A 68 1.02 7.65 -8.39
N GLU A 69 0.47 8.43 -9.32
CA GLU A 69 -0.68 8.04 -10.11
C GLU A 69 -0.28 7.61 -11.50
N PHE A 70 -1.02 6.64 -12.04
CA PHE A 70 -0.75 6.05 -13.33
C PHE A 70 -1.93 6.23 -14.27
N ASP A 71 -1.66 6.19 -15.57
CA ASP A 71 -2.70 6.07 -16.57
C ASP A 71 -3.31 4.68 -16.52
N ASP A 72 -4.54 4.58 -16.07
CA ASP A 72 -5.23 3.30 -15.97
C ASP A 72 -6.40 3.22 -16.97
N SER A 73 -6.28 3.96 -18.07
CA SER A 73 -7.33 3.93 -19.11
C SER A 73 -7.10 2.81 -20.15
N GLN A 74 -6.03 2.04 -20.03
CA GLN A 74 -5.70 0.86 -20.82
C GLN A 74 -4.93 -0.11 -19.96
N ASP A 75 -4.77 -1.37 -20.42
CA ASP A 75 -3.99 -2.35 -19.69
C ASP A 75 -2.50 -2.12 -19.97
N LYS A 76 -1.95 -1.19 -19.25
CA LYS A 76 -0.54 -0.82 -19.36
C LYS A 76 0.34 -1.42 -18.26
N ALA A 77 -0.15 -1.46 -17.06
CA ALA A 77 0.58 -1.99 -15.91
C ALA A 77 -0.45 -2.83 -15.17
N VAL A 78 -0.30 -4.14 -15.19
CA VAL A 78 -1.31 -5.00 -14.66
C VAL A 78 -0.71 -6.08 -13.77
N LEU A 79 -1.55 -6.54 -12.86
CA LEU A 79 -1.29 -7.62 -11.96
C LEU A 79 -2.29 -8.73 -12.26
N LYS A 80 -1.80 -9.95 -12.37
CA LYS A 80 -2.60 -11.11 -12.66
C LYS A 80 -2.00 -12.28 -11.92
N GLY A 81 -2.70 -13.41 -11.96
CA GLY A 81 -2.20 -14.62 -11.38
C GLY A 81 -2.27 -14.60 -9.86
N GLY A 82 -1.51 -15.49 -9.23
CA GLY A 82 -1.63 -15.62 -7.79
C GLY A 82 -3.03 -16.04 -7.40
N PRO A 83 -3.63 -15.35 -6.40
CA PRO A 83 -5.00 -15.63 -6.02
C PRO A 83 -6.06 -15.03 -6.93
N LEU A 84 -5.64 -14.24 -7.91
CA LEU A 84 -6.54 -13.37 -8.65
C LEU A 84 -7.16 -14.10 -9.82
N ASP A 85 -8.42 -13.79 -10.07
CA ASP A 85 -9.13 -14.15 -11.29
C ASP A 85 -9.19 -12.87 -12.14
N GLY A 86 -8.71 -12.89 -13.38
CA GLY A 86 -8.80 -11.76 -14.24
C GLY A 86 -7.63 -10.79 -14.06
N THR A 87 -7.84 -9.58 -14.56
CA THR A 87 -6.77 -8.61 -14.76
C THR A 87 -7.02 -7.40 -13.90
N TYR A 88 -5.99 -6.98 -13.16
CA TYR A 88 -6.09 -5.84 -12.27
C TYR A 88 -5.12 -4.77 -12.73
N ARG A 89 -5.61 -3.56 -13.03
N ARG A 89 -5.61 -3.58 -12.86
CA ARG A 89 -4.82 -2.42 -13.51
CA ARG A 89 -4.83 -2.52 -13.46
C ARG A 89 -4.29 -1.61 -12.36
C ARG A 89 -4.31 -1.55 -12.40
N LEU A 90 -3.00 -1.23 -12.46
CA LEU A 90 -2.37 -0.33 -11.52
C LEU A 90 -2.93 1.08 -11.67
N ILE A 91 -3.42 1.67 -10.58
CA ILE A 91 -3.91 3.03 -10.57
C ILE A 91 -2.98 3.98 -9.83
N GLN A 92 -2.41 3.55 -8.71
CA GLN A 92 -1.53 4.40 -7.92
C GLN A 92 -0.72 3.55 -6.98
N PHE A 93 0.41 4.08 -6.52
CA PHE A 93 1.05 3.55 -5.34
C PHE A 93 1.26 4.65 -4.32
N HIS A 94 1.42 4.24 -3.06
CA HIS A 94 1.69 5.12 -1.94
C HIS A 94 2.37 4.30 -0.87
N PHE A 95 2.77 4.99 0.19
CA PHE A 95 3.42 4.39 1.34
C PHE A 95 2.71 4.79 2.62
N HIS A 96 2.98 4.00 3.66
CA HIS A 96 2.69 4.31 5.05
C HIS A 96 4.02 4.21 5.79
N TRP A 97 4.30 5.12 6.73
CA TRP A 97 5.58 5.11 7.40
C TRP A 97 5.47 5.68 8.78
N GLY A 98 6.55 5.52 9.53
CA GLY A 98 6.60 5.87 10.92
C GLY A 98 7.38 7.14 11.19
N SER A 99 7.31 7.55 12.47
CA SER A 99 8.16 8.61 12.99
C SER A 99 9.55 8.11 13.40
N LEU A 100 9.70 6.79 13.53
CA LEU A 100 10.89 6.05 14.01
C LEU A 100 11.05 4.83 13.15
N ASP A 101 12.26 4.31 13.03
CA ASP A 101 12.46 3.17 12.14
C ASP A 101 11.76 1.92 12.66
N GLY A 102 11.43 1.86 13.95
CA GLY A 102 10.77 0.70 14.55
C GLY A 102 9.26 0.59 14.37
N GLN A 103 8.67 1.47 13.57
CA GLN A 103 7.25 1.38 13.31
C GLN A 103 6.99 2.05 11.97
N GLY A 104 5.80 1.79 11.42
CA GLY A 104 5.42 2.44 10.18
C GLY A 104 4.62 1.55 9.25
N SER A 105 4.89 0.22 9.29
CA SER A 105 4.09 -0.67 8.45
C SER A 105 2.69 -0.85 9.02
N GLU A 106 1.80 -1.25 8.13
CA GLU A 106 0.40 -1.54 8.48
C GLU A 106 0.28 -3.03 8.80
N HIS A 107 0.60 -3.88 7.84
CA HIS A 107 0.75 -5.29 8.18
C HIS A 107 1.96 -5.46 9.07
N THR A 108 1.90 -6.51 9.88
CA THR A 108 3.01 -6.96 10.71
C THR A 108 3.24 -8.42 10.41
N VAL A 109 4.44 -8.90 10.74
CA VAL A 109 4.83 -10.27 10.47
C VAL A 109 5.29 -10.87 11.79
N ASP A 110 4.51 -11.78 12.37
CA ASP A 110 4.80 -12.28 13.71
C ASP A 110 5.00 -11.12 14.69
N LYS A 111 4.13 -10.11 14.55
CA LYS A 111 4.06 -8.89 15.36
C LYS A 111 5.17 -7.90 15.04
N LYS A 112 6.10 -8.24 14.15
CA LYS A 112 7.13 -7.30 13.77
C LYS A 112 6.57 -6.19 12.89
N LYS A 113 6.79 -4.94 13.31
N LYS A 113 7.00 -4.95 13.19
CA LYS A 113 6.62 -3.78 12.44
CA LYS A 113 6.59 -3.77 12.45
C LYS A 113 7.88 -3.50 11.62
C LYS A 113 7.81 -3.29 11.67
N TYR A 114 7.64 -3.11 10.37
CA TYR A 114 8.67 -2.55 9.49
C TYR A 114 8.60 -1.03 9.53
N ALA A 115 9.64 -0.39 8.98
CA ALA A 115 9.75 1.06 8.98
C ALA A 115 8.70 1.71 8.07
N ALA A 116 8.23 1.00 7.06
CA ALA A 116 7.26 1.55 6.12
C ALA A 116 6.68 0.38 5.33
N GLU A 117 5.64 0.68 4.56
CA GLU A 117 4.99 -0.30 3.70
C GLU A 117 4.52 0.41 2.43
N LEU A 118 4.84 -0.17 1.29
CA LEU A 118 4.45 0.29 -0.03
C LEU A 118 3.20 -0.47 -0.45
N HIS A 119 2.21 0.26 -0.95
CA HIS A 119 0.98 -0.30 -1.47
C HIS A 119 0.83 0.08 -2.93
N LEU A 120 0.86 -0.93 -3.81
CA LEU A 120 0.59 -0.77 -5.22
C LEU A 120 -0.86 -1.20 -5.43
N VAL A 121 -1.71 -0.23 -5.79
CA VAL A 121 -3.15 -0.41 -5.81
C VAL A 121 -3.64 -0.68 -7.21
N HIS A 122 -4.40 -1.77 -7.38
CA HIS A 122 -4.89 -2.20 -8.68
C HIS A 122 -6.37 -2.49 -8.60
N TRP A 123 -7.10 -2.25 -9.69
CA TRP A 123 -8.54 -2.52 -9.74
C TRP A 123 -8.87 -3.51 -10.84
N ASN A 124 -9.91 -4.31 -10.58
CA ASN A 124 -10.34 -5.38 -11.43
C ASN A 124 -11.05 -4.83 -12.66
N THR A 125 -10.50 -5.11 -13.84
CA THR A 125 -11.01 -4.48 -15.05
C THR A 125 -12.43 -4.88 -15.37
N LYS A 126 -12.91 -5.98 -14.83
CA LYS A 126 -14.29 -6.34 -15.12
C LYS A 126 -15.30 -5.32 -14.57
N TYR A 127 -14.89 -4.45 -13.66
CA TYR A 127 -15.77 -3.44 -13.10
C TYR A 127 -15.66 -2.07 -13.76
N GLY A 128 -14.78 -1.95 -14.75
CA GLY A 128 -14.82 -0.77 -15.60
C GLY A 128 -14.09 0.46 -15.11
N ASP A 129 -14.19 0.78 -13.82
CA ASP A 129 -13.58 1.98 -13.22
CA ASP A 129 -13.27 1.76 -13.27
C ASP A 129 -13.23 1.62 -11.76
N PHE A 130 -12.33 2.39 -11.16
CA PHE A 130 -11.93 2.20 -9.79
C PHE A 130 -13.14 2.41 -8.85
N GLY A 131 -13.93 3.45 -9.10
CA GLY A 131 -15.04 3.76 -8.23
C GLY A 131 -16.10 2.66 -8.15
N LYS A 132 -16.32 1.95 -9.25
CA LYS A 132 -17.20 0.79 -9.26
C LYS A 132 -16.51 -0.38 -8.57
N ALA A 133 -15.21 -0.57 -8.84
CA ALA A 133 -14.49 -1.71 -8.27
C ALA A 133 -14.51 -1.70 -6.75
N VAL A 134 -14.41 -0.53 -6.10
CA VAL A 134 -14.34 -0.54 -4.64
C VAL A 134 -15.65 -0.94 -3.98
N GLN A 135 -16.71 -1.05 -4.78
CA GLN A 135 -18.01 -1.52 -4.29
C GLN A 135 -18.16 -3.02 -4.40
N GLN A 136 -17.11 -3.73 -4.80
CA GLN A 136 -17.20 -5.16 -5.04
C GLN A 136 -16.23 -5.88 -4.14
N PRO A 137 -16.57 -7.12 -3.71
CA PRO A 137 -15.72 -7.85 -2.79
C PRO A 137 -14.38 -8.29 -3.39
N ASP A 138 -14.31 -8.35 -4.73
CA ASP A 138 -13.10 -8.69 -5.45
C ASP A 138 -12.70 -7.53 -6.35
N GLY A 139 -12.93 -6.30 -5.92
CA GLY A 139 -12.69 -5.15 -6.77
C GLY A 139 -11.24 -4.74 -6.89
N LEU A 140 -10.46 -4.85 -5.82
CA LEU A 140 -9.09 -4.36 -5.81
CA LEU A 140 -9.10 -4.35 -5.76
C LEU A 140 -8.14 -5.47 -5.46
N ALA A 141 -6.88 -5.31 -5.89
CA ALA A 141 -5.75 -6.11 -5.46
C ALA A 141 -4.68 -5.13 -5.05
N VAL A 142 -4.23 -5.21 -3.81
CA VAL A 142 -3.17 -4.34 -3.34
C VAL A 142 -1.97 -5.21 -3.06
N LEU A 143 -0.87 -4.88 -3.73
CA LEU A 143 0.43 -5.51 -3.53
C LEU A 143 1.18 -4.72 -2.48
N GLY A 144 1.42 -5.35 -1.34
CA GLY A 144 2.10 -4.72 -0.23
C GLY A 144 3.52 -5.20 -0.10
N ILE A 145 4.43 -4.25 0.10
CA ILE A 145 5.85 -4.52 0.17
C ILE A 145 6.40 -3.80 1.39
N PHE A 146 7.06 -4.52 2.26
CA PHE A 146 7.66 -3.93 3.44
C PHE A 146 8.95 -3.22 3.10
N LEU A 147 9.24 -2.14 3.85
CA LEU A 147 10.50 -1.41 3.78
C LEU A 147 11.22 -1.52 5.11
N LYS A 148 12.48 -1.90 5.06
CA LYS A 148 13.39 -1.82 6.19
C LYS A 148 14.48 -0.81 5.90
N VAL A 149 15.04 -0.26 6.93
CA VAL A 149 16.13 0.72 6.78
C VAL A 149 17.47 0.00 6.74
N GLY A 150 18.23 0.26 5.68
CA GLY A 150 19.57 -0.28 5.52
C GLY A 150 20.22 0.41 4.33
N SER A 151 20.53 -0.35 3.29
CA SER A 151 21.05 0.22 2.07
C SER A 151 19.95 0.99 1.33
N ALA A 152 20.34 2.02 0.57
CA ALA A 152 19.41 2.76 -0.25
C ALA A 152 18.77 1.88 -1.30
N LYS A 153 17.55 2.27 -1.70
CA LYS A 153 16.85 1.70 -2.82
C LYS A 153 16.99 2.63 -4.00
N PRO A 154 17.85 2.33 -5.00
CA PRO A 154 18.09 3.34 -6.03
C PRO A 154 16.83 3.73 -6.78
N GLY A 155 15.95 2.77 -7.01
CA GLY A 155 14.74 3.04 -7.76
C GLY A 155 13.72 3.88 -7.00
N LEU A 156 13.92 4.13 -5.71
CA LEU A 156 13.07 5.03 -4.95
C LEU A 156 13.53 6.46 -5.04
N GLN A 157 14.78 6.73 -5.42
CA GLN A 157 15.34 8.06 -5.22
C GLN A 157 14.58 9.11 -6.02
N LYS A 158 14.07 8.80 -7.24
CA LYS A 158 13.32 9.80 -7.98
C LYS A 158 12.08 10.27 -7.24
N VAL A 159 11.44 9.35 -6.52
CA VAL A 159 10.32 9.71 -5.65
C VAL A 159 10.76 10.63 -4.52
N VAL A 160 11.82 10.26 -3.82
CA VAL A 160 12.36 11.04 -2.72
C VAL A 160 12.64 12.46 -3.14
N ASP A 161 13.24 12.59 -4.31
CA ASP A 161 13.71 13.90 -4.70
C ASP A 161 12.62 14.87 -5.11
N VAL A 162 11.42 14.40 -5.43
CA VAL A 162 10.32 15.28 -5.78
C VAL A 162 9.51 15.73 -4.56
N LEU A 163 9.72 15.11 -3.40
CA LEU A 163 8.86 15.34 -2.26
C LEU A 163 8.89 16.80 -1.78
N ASP A 164 10.00 17.48 -1.97
CA ASP A 164 10.08 18.89 -1.60
C ASP A 164 9.06 19.73 -2.36
N SER A 165 8.66 19.31 -3.57
CA SER A 165 7.71 20.03 -4.38
C SER A 165 6.27 19.78 -3.99
N ILE A 166 6.01 18.77 -3.14
CA ILE A 166 4.66 18.42 -2.75
C ILE A 166 4.57 18.34 -1.22
N LYS A 167 5.19 19.31 -0.55
CA LYS A 167 5.34 19.22 0.89
C LYS A 167 4.00 19.16 1.61
N THR A 168 3.03 19.92 1.13
CA THR A 168 1.80 20.15 1.84
C THR A 168 0.58 19.61 1.07
N LYS A 169 -0.49 19.39 1.83
CA LYS A 169 -1.72 18.81 1.34
C LYS A 169 -2.27 19.58 0.17
N GLY A 170 -2.60 18.87 -0.90
CA GLY A 170 -3.17 19.43 -2.08
C GLY A 170 -2.16 19.75 -3.16
N LYS A 171 -0.87 19.71 -2.86
N LYS A 171 -0.87 19.69 -2.88
CA LYS A 171 0.15 19.94 -3.86
CA LYS A 171 0.13 19.98 -3.89
C LYS A 171 0.28 18.70 -4.75
C LYS A 171 0.40 18.74 -4.73
N SER A 172 0.53 18.94 -6.04
CA SER A 172 0.87 17.90 -7.00
C SER A 172 2.02 18.35 -7.87
N ALA A 173 2.66 17.39 -8.51
CA ALA A 173 3.71 17.66 -9.48
C ALA A 173 3.67 16.64 -10.58
N ASP A 174 3.82 17.04 -11.84
N ASP A 174 4.33 17.01 -11.70
CA ASP A 174 4.02 16.06 -12.89
CA ASP A 174 4.48 16.09 -12.79
C ASP A 174 5.11 15.07 -12.47
C ASP A 174 5.34 14.94 -12.34
N PHE A 175 4.95 13.76 -12.81
CA PHE A 175 5.80 12.66 -12.39
C PHE A 175 5.74 11.57 -13.45
N THR A 176 6.22 11.87 -14.64
CA THR A 176 6.20 10.95 -15.77
C THR A 176 7.42 10.06 -15.79
N ASN A 177 7.29 8.95 -16.52
CA ASN A 177 8.38 8.04 -16.80
C ASN A 177 9.01 7.41 -15.57
N PHE A 178 8.25 7.21 -14.51
CA PHE A 178 8.74 6.49 -13.36
C PHE A 178 8.41 5.01 -13.51
N ASP A 179 9.41 4.17 -13.29
CA ASP A 179 9.28 2.74 -13.46
C ASP A 179 9.09 2.04 -12.13
N PRO A 180 7.86 1.58 -11.80
CA PRO A 180 7.64 0.96 -10.48
C PRO A 180 8.33 -0.40 -10.30
N ARG A 181 8.87 -0.97 -11.38
CA ARG A 181 9.62 -2.22 -11.24
C ARG A 181 10.84 -2.00 -10.37
N GLY A 182 11.35 -0.77 -10.28
CA GLY A 182 12.50 -0.50 -9.43
C GLY A 182 12.19 -0.50 -7.94
N LEU A 183 10.93 -0.74 -7.54
CA LEU A 183 10.54 -0.81 -6.15
C LEU A 183 10.30 -2.24 -5.68
N LEU A 184 10.46 -3.24 -6.54
CA LEU A 184 10.13 -4.61 -6.20
C LEU A 184 11.34 -5.31 -5.61
N PRO A 185 11.16 -6.27 -4.69
CA PRO A 185 12.25 -7.14 -4.25
C PRO A 185 12.49 -8.22 -5.29
N GLU A 186 13.54 -9.02 -5.07
CA GLU A 186 13.88 -10.10 -5.98
C GLU A 186 12.80 -11.17 -6.06
N SER A 187 12.31 -11.58 -4.89
CA SER A 187 11.33 -12.66 -4.83
C SER A 187 9.93 -12.14 -4.85
N LEU A 188 9.01 -12.86 -5.52
CA LEU A 188 7.59 -12.57 -5.46
C LEU A 188 6.84 -13.54 -4.55
N ASP A 189 7.50 -14.27 -3.66
CA ASP A 189 6.77 -15.06 -2.68
C ASP A 189 5.88 -14.15 -1.84
N TYR A 190 4.68 -14.65 -1.50
CA TYR A 190 3.70 -13.78 -0.87
C TYR A 190 2.77 -14.55 0.06
N TRP A 191 2.11 -13.74 0.90
CA TRP A 191 0.92 -14.14 1.64
C TRP A 191 -0.28 -13.44 1.05
N THR A 192 -1.46 -14.05 1.15
CA THR A 192 -2.67 -13.43 0.65
C THR A 192 -3.85 -13.70 1.55
N TYR A 193 -4.76 -12.73 1.63
CA TYR A 193 -6.01 -12.86 2.39
C TYR A 193 -6.98 -11.79 1.91
N PRO A 194 -8.28 -11.99 2.18
CA PRO A 194 -9.29 -11.00 1.82
C PRO A 194 -9.41 -9.92 2.90
N GLY A 195 -9.35 -8.67 2.49
CA GLY A 195 -9.43 -7.58 3.45
C GLY A 195 -10.05 -6.34 2.90
N SER A 196 -9.52 -5.21 3.34
CA SER A 196 -10.17 -3.92 3.15
C SER A 196 -9.16 -2.86 2.77
N LEU A 197 -9.69 -1.70 2.37
CA LEU A 197 -8.88 -0.48 2.39
C LEU A 197 -8.44 -0.24 3.83
N THR A 198 -7.21 0.28 4.02
CA THR A 198 -6.72 0.57 5.36
C THR A 198 -6.96 2.02 5.80
N THR A 199 -7.60 2.81 4.95
CA THR A 199 -8.05 4.15 5.31
C THR A 199 -9.52 4.24 5.01
N PRO A 200 -10.23 5.17 5.67
CA PRO A 200 -11.60 5.48 5.27
C PRO A 200 -11.68 5.64 3.79
N PRO A 201 -12.67 5.10 3.10
CA PRO A 201 -13.89 4.49 3.68
C PRO A 201 -13.82 3.03 4.14
N LEU A 202 -12.63 2.42 4.16
CA LEU A 202 -12.43 1.11 4.83
C LEU A 202 -13.24 0.01 4.15
N LEU A 203 -13.51 0.17 2.85
CA LEU A 203 -14.36 -0.74 2.11
C LEU A 203 -13.70 -2.09 2.00
N GLU A 204 -14.52 -3.13 2.10
CA GLU A 204 -14.07 -4.52 2.11
C GLU A 204 -14.04 -5.11 0.71
N CYS A 205 -13.07 -4.60 -0.07
CA CYS A 205 -13.00 -4.82 -1.50
C CYS A 205 -11.65 -5.33 -1.96
N VAL A 206 -10.74 -5.65 -1.03
CA VAL A 206 -9.34 -5.86 -1.40
C VAL A 206 -8.95 -7.32 -1.25
N THR A 207 -8.30 -7.86 -2.29
CA THR A 207 -7.45 -9.05 -2.15
C THR A 207 -6.04 -8.54 -1.86
N TRP A 208 -5.57 -8.79 -0.64
CA TRP A 208 -4.23 -8.38 -0.24
C TRP A 208 -3.23 -9.43 -0.69
N ILE A 209 -2.11 -8.95 -1.24
CA ILE A 209 -0.98 -9.79 -1.63
C ILE A 209 0.24 -9.12 -1.03
N VAL A 210 0.78 -9.70 0.05
CA VAL A 210 1.85 -9.09 0.83
C VAL A 210 3.11 -9.89 0.57
N LEU A 211 4.14 -9.24 0.00
CA LEU A 211 5.37 -9.95 -0.32
C LEU A 211 6.15 -10.26 0.96
N LYS A 212 6.76 -11.44 0.98
CA LYS A 212 7.57 -11.86 2.10
C LYS A 212 8.88 -11.09 2.20
N GLU A 213 9.51 -10.79 1.07
CA GLU A 213 10.81 -10.17 1.09
CA GLU A 213 10.82 -10.18 1.07
C GLU A 213 10.68 -8.66 1.12
N PRO A 214 11.19 -8.01 2.20
N PRO A 214 11.27 -8.00 2.15
CA PRO A 214 11.19 -6.54 2.24
CA PRO A 214 11.23 -6.55 2.17
C PRO A 214 12.23 -5.94 1.31
C PRO A 214 12.17 -5.98 1.12
N ILE A 215 12.00 -4.69 0.87
CA ILE A 215 13.04 -3.92 0.24
C ILE A 215 13.74 -3.11 1.31
N SER A 216 14.99 -2.74 0.98
N SER A 216 15.02 -2.81 1.09
CA SER A 216 15.83 -1.90 1.83
CA SER A 216 15.71 -1.89 1.99
C SER A 216 15.83 -0.47 1.30
C SER A 216 15.86 -0.53 1.36
N VAL A 217 15.63 0.49 2.20
CA VAL A 217 15.79 1.88 1.86
C VAL A 217 16.76 2.50 2.83
N SER A 218 17.36 3.64 2.52
CA SER A 218 18.32 4.22 3.45
C SER A 218 17.64 5.11 4.48
N SER A 219 18.38 5.37 5.55
CA SER A 219 17.88 6.29 6.56
C SER A 219 17.57 7.64 5.93
N GLU A 220 18.40 8.09 4.99
CA GLU A 220 18.16 9.39 4.39
C GLU A 220 16.88 9.40 3.57
N GLN A 221 16.58 8.29 2.88
CA GLN A 221 15.35 8.21 2.12
C GLN A 221 14.11 8.31 3.02
N VAL A 222 14.09 7.53 4.10
CA VAL A 222 12.91 7.59 4.97
C VAL A 222 12.84 8.94 5.69
N LEU A 223 13.98 9.55 5.99
CA LEU A 223 13.94 10.85 6.62
C LEU A 223 13.23 11.87 5.73
N LYS A 224 13.40 11.76 4.42
CA LYS A 224 12.70 12.66 3.51
C LYS A 224 11.21 12.43 3.50
N PHE A 225 10.74 11.20 3.65
CA PHE A 225 9.32 10.99 3.81
C PHE A 225 8.78 11.77 5.01
N ARG A 226 9.56 11.77 6.09
CA ARG A 226 9.13 12.36 7.34
C ARG A 226 9.16 13.88 7.34
N LYS A 227 9.61 14.52 6.28
CA LYS A 227 9.57 15.97 6.13
C LYS A 227 8.29 16.44 5.50
N LEU A 228 7.50 15.54 4.93
CA LEU A 228 6.22 15.90 4.38
C LEU A 228 5.30 16.42 5.49
N ASN A 229 4.23 17.10 5.06
CA ASN A 229 3.26 17.69 5.97
C ASN A 229 1.87 17.12 5.70
N PHE A 230 1.12 16.87 6.79
CA PHE A 230 -0.30 16.58 6.69
C PHE A 230 -1.13 17.82 6.33
N ASN A 231 -0.68 18.98 6.80
CA ASN A 231 -1.39 20.23 6.64
C ASN A 231 -1.21 20.81 5.26
N GLY A 232 -2.10 21.75 4.93
CA GLY A 232 -1.96 22.56 3.75
C GLY A 232 -1.00 23.72 3.97
N GLU A 233 -0.55 24.32 2.87
CA GLU A 233 0.33 25.48 2.93
C GLU A 233 -0.35 26.62 3.69
N GLY A 234 0.37 27.26 4.60
CA GLY A 234 -0.18 28.37 5.37
C GLY A 234 -1.02 27.94 6.57
N GLU A 235 -1.03 26.63 6.84
CA GLU A 235 -1.64 26.07 8.04
C GLU A 235 -0.54 25.61 9.00
N PRO A 236 -0.86 25.40 10.28
CA PRO A 236 0.15 24.93 11.23
C PRO A 236 0.82 23.64 10.77
N GLU A 237 2.16 23.62 10.86
CA GLU A 237 2.91 22.43 10.37
C GLU A 237 2.76 21.22 11.27
N GLU A 238 2.34 20.12 10.66
CA GLU A 238 2.22 18.84 11.30
C GLU A 238 2.87 17.81 10.40
N LEU A 239 3.96 17.26 10.87
CA LEU A 239 4.72 16.34 10.02
C LEU A 239 3.88 15.12 9.69
N MET A 240 3.98 14.71 8.42
CA MET A 240 3.32 13.51 7.93
C MET A 240 4.18 12.30 8.32
N VAL A 241 3.86 11.75 9.50
CA VAL A 241 4.49 10.57 10.07
C VAL A 241 3.45 9.76 10.78
N ASP A 242 3.71 8.45 10.92
CA ASP A 242 2.79 7.56 11.60
C ASP A 242 1.40 7.57 10.97
N ASN A 243 1.40 7.48 9.63
CA ASN A 243 0.17 7.40 8.84
C ASN A 243 -0.21 5.96 8.53
N TRP A 244 -0.18 5.12 9.58
CA TRP A 244 -0.51 3.71 9.47
C TRP A 244 -1.62 3.37 10.43
N ARG A 245 -2.47 2.46 9.99
CA ARG A 245 -3.51 1.83 10.81
C ARG A 245 -2.91 0.59 11.46
N PRO A 246 -3.17 0.33 12.75
N PRO A 246 -3.15 0.38 12.77
CA PRO A 246 -2.59 -0.87 13.34
CA PRO A 246 -2.74 -0.86 13.43
C PRO A 246 -3.41 -2.10 12.90
C PRO A 246 -3.44 -2.12 12.88
N ALA A 247 -2.84 -3.27 13.22
CA ALA A 247 -3.44 -4.54 12.87
C ALA A 247 -4.84 -4.70 13.47
N GLN A 248 -5.74 -5.26 12.68
CA GLN A 248 -7.13 -5.49 13.02
C GLN A 248 -7.37 -6.97 13.23
N PRO A 249 -8.50 -7.33 13.90
CA PRO A 249 -8.76 -8.74 14.16
C PRO A 249 -8.90 -9.53 12.88
N LEU A 250 -8.29 -10.72 12.90
CA LEU A 250 -8.39 -11.60 11.73
C LEU A 250 -9.78 -12.15 11.51
N LYS A 251 -10.51 -12.42 12.59
CA LYS A 251 -11.88 -12.95 12.49
C LYS A 251 -11.88 -14.22 11.65
N ASN A 252 -12.86 -14.44 10.81
CA ASN A 252 -13.04 -15.69 10.13
C ASN A 252 -12.29 -15.70 8.80
N ARG A 253 -10.93 -15.56 8.89
CA ARG A 253 -10.07 -15.56 7.73
C ARG A 253 -8.87 -16.45 7.96
N GLN A 254 -8.39 -17.01 6.86
CA GLN A 254 -7.14 -17.74 6.81
C GLN A 254 -6.20 -17.00 5.86
N ILE A 255 -4.98 -16.82 6.28
CA ILE A 255 -3.94 -16.28 5.42
C ILE A 255 -3.23 -17.45 4.72
N LYS A 256 -3.10 -17.35 3.41
CA LYS A 256 -2.45 -18.38 2.60
C LYS A 256 -1.09 -17.90 2.18
N ALA A 257 -0.17 -18.84 2.04
CA ALA A 257 1.19 -18.58 1.58
C ALA A 257 1.39 -19.21 0.23
N SER A 258 2.15 -18.51 -0.62
CA SER A 258 2.49 -19.03 -1.95
C SER A 258 3.69 -19.95 -1.93
N PHE A 259 4.31 -20.09 -0.78
CA PHE A 259 5.62 -20.70 -0.60
C PHE A 259 5.61 -21.58 0.64
N LYS A 260 6.56 -22.51 0.68
CA LYS A 260 6.71 -23.50 1.75
C LYS A 260 7.68 -22.96 2.79
ZN ZN B . -2.12 2.02 1.78
C1 A1H15 C . -8.72 5.05 -1.69
C1 A1H15 C . -8.82 4.37 -1.87
C2 A1H15 C . -7.69 4.14 -1.08
C2 A1H15 C . -7.84 3.48 -1.23
C3 A1H15 C . -7.64 4.04 0.29
C3 A1H15 C . -7.75 3.50 0.15
C4 A1H15 C . -6.75 3.17 0.88
C4 A1H15 C . -6.86 2.67 0.79
C5 A1H15 C . -5.94 2.37 0.09
C5 A1H15 C . -5.96 1.93 0.05
C6 A1H15 C . -6.01 2.48 -1.28
C6 A1H15 C . -6.06 1.91 -1.34
C7 A1H15 C . -6.89 3.36 -1.87
C7 A1H15 C . -6.98 2.69 -1.97
S8 A1H15 C . -4.86 1.20 0.85
S8 A1H15 C . -4.82 0.87 0.91
N9 A1H15 C . -4.07 1.93 2.01
N9 A1H15 C . -4.01 1.75 1.96
O10 A1H15 C . -5.74 0.22 1.44
O10 A1H15 C . -5.64 -0.09 1.58
O11 A1H15 C . -3.96 0.77 -0.20
O11 A1H15 C . -3.88 0.39 -0.08
N12 A1H15 C . -8.43 5.57 -3.01
N12 A1H15 C . -8.21 5.68 -1.96
C13 A1H15 C . -9.26 6.27 -3.77
C13 A1H15 C . -7.37 6.06 -2.89
N14 A1H15 C . -10.60 6.13 -3.47
N14 A1H15 C . -7.45 5.30 -4.04
C15 A1H15 C . -11.10 5.76 -2.27
C15 A1H15 C . -7.01 5.83 -5.23
N16 A1H15 C . -11.87 4.72 -2.18
N16 A1H15 C . -6.39 7.00 -5.21
N17 A1H15 C . -8.86 7.06 -4.76
N17 A1H15 C . -6.54 7.08 -2.73
N18 A1H15 C . -10.85 6.50 -1.20
N18 A1H15 C . -7.18 5.25 -6.38
C1 A1H15 D . -14.27 16.05 13.55
C2 A1H15 D . -14.03 14.60 13.27
C3 A1H15 D . -13.58 13.67 14.20
C4 A1H15 D . -13.44 12.33 13.87
C5 A1H15 D . -13.76 11.93 12.57
C6 A1H15 D . -14.31 12.84 11.69
C7 A1H15 D . -14.36 14.18 12.00
S8 A1H15 D . -13.65 10.26 12.05
N9 A1H15 D . -12.29 9.77 12.60
O10 A1H15 D . -14.64 9.41 12.73
O11 A1H15 D . -13.83 10.25 10.63
N12 A1H15 D . -13.42 16.79 14.44
C13 A1H15 D . -12.46 16.50 15.28
N17 A1H15 D . -12.31 15.35 15.92
C1 GOL E . -4.44 5.82 -0.88
O1 GOL E . -5.01 6.65 -1.87
C2 GOL E . -3.92 6.74 0.20
O2 GOL E . -3.07 7.77 -0.28
C3 GOL E . -3.35 6.22 1.48
O3 GOL E . -3.79 7.21 2.39
#